data_2FYP
#
_entry.id   2FYP
#
_cell.length_a   65.610
_cell.length_b   84.740
_cell.length_c   95.080
_cell.angle_alpha   90.00
_cell.angle_beta   90.00
_cell.angle_gamma   90.00
#
_symmetry.space_group_name_H-M   'P 21 21 21'
#
loop_
_entity.id
_entity.type
_entity.pdbx_description
1 polymer Endoplasmin
2 non-polymer '2-(3-AMINO-2,5,6-TRIMETHOXYPHENYL)ETHYL 5-CHLORO-2,4-DIHYDROXYBENZOATE'
3 non-polymer 'TETRAETHYLENE GLYCOL'
4 non-polymer 'PENTAETHYLENE GLYCOL'
5 water water
#
_entity_poly.entity_id   1
_entity_poly.type   'polypeptide(L)'
_entity_poly.pdbx_seq_one_letter_code
;GSHMLREKSEKFAFQAEVNRMMKLIINSLYKNKEIFLRELISNASDALDKIRLISLTDENALAGNEELTVKIKCDKEKNL
LHVTDTGVGMTREELVKNLGTIAKSGTSEFLNKMTEAQEDGQSTSELIGQFGVGFYSAFLVADKVIVTSKHNNDTQHIWE
SDSNEFSVIADPRGNTLGRGTTITLVLKEEASDYLELDTIKNLVKKYSQFINFPIYVWSSKTGGGGKTVWDWELMN
;
_entity_poly.pdbx_strand_id   A,B
#
loop_
_chem_comp.id
_chem_comp.type
_chem_comp.name
_chem_comp.formula
1PE non-polymer 'PENTAETHYLENE GLYCOL' 'C10 H22 O6'
PG4 non-polymer 'TETRAETHYLENE GLYCOL' 'C8 H18 O5'
RDE non-polymer '2-(3-AMINO-2,5,6-TRIMETHOXYPHENYL)ETHYL 5-CHLORO-2,4-DIHYDROXYBENZOATE' 'C18 H20 Cl N O7'
#
# COMPACT_ATOMS: atom_id res chain seq x y z
N GLY A 1 15.62 4.64 -29.34
CA GLY A 1 15.20 5.31 -28.07
C GLY A 1 14.75 4.32 -27.02
N SER A 2 15.70 3.60 -26.44
CA SER A 2 15.40 2.61 -25.42
C SER A 2 15.77 3.11 -24.02
N HIS A 3 16.03 4.41 -23.91
CA HIS A 3 16.40 5.02 -22.63
C HIS A 3 15.24 4.95 -21.63
N MET A 4 14.06 5.33 -22.09
CA MET A 4 12.87 5.36 -21.25
C MET A 4 12.49 4.01 -20.64
N LEU A 5 12.43 2.97 -21.47
CA LEU A 5 12.07 1.63 -21.00
C LEU A 5 13.13 0.99 -20.11
N ARG A 6 14.39 1.09 -20.52
CA ARG A 6 15.50 0.51 -19.76
C ARG A 6 15.76 1.20 -18.43
N GLU A 7 15.27 2.43 -18.27
CA GLU A 7 15.46 3.17 -17.03
C GLU A 7 14.20 3.20 -16.15
N LYS A 8 13.14 2.54 -16.61
CA LYS A 8 11.89 2.48 -15.86
C LYS A 8 11.35 3.88 -15.53
N SER A 9 11.63 4.84 -16.40
CA SER A 9 11.20 6.21 -16.20
C SER A 9 9.68 6.37 -16.35
N GLU A 10 8.99 5.24 -16.52
CA GLU A 10 7.54 5.24 -16.68
C GLU A 10 6.84 4.72 -15.42
N LYS A 11 7.62 4.33 -14.43
CA LYS A 11 7.10 3.78 -13.17
C LYS A 11 7.09 4.82 -12.04
N PHE A 12 6.03 4.80 -11.23
CA PHE A 12 5.92 5.73 -10.10
C PHE A 12 5.31 5.08 -8.87
N ALA A 13 5.62 5.66 -7.72
CA ALA A 13 5.07 5.22 -6.45
C ALA A 13 3.98 6.22 -6.10
N PHE A 14 2.96 5.77 -5.39
CA PHE A 14 1.89 6.68 -4.97
C PHE A 14 2.38 7.49 -3.79
N GLN A 15 1.83 8.69 -3.64
CA GLN A 15 2.16 9.56 -2.52
C GLN A 15 1.58 8.84 -1.31
N ALA A 16 2.24 8.93 -0.16
CA ALA A 16 1.77 8.25 1.04
C ALA A 16 0.30 8.50 1.37
N GLU A 17 -0.13 9.76 1.29
CA GLU A 17 -1.51 10.11 1.60
C GLU A 17 -2.51 9.35 0.71
N VAL A 18 -2.13 9.13 -0.55
CA VAL A 18 -3.01 8.43 -1.46
C VAL A 18 -3.13 6.96 -1.03
N ASN A 19 -2.01 6.36 -0.60
CA ASN A 19 -2.04 4.98 -0.14
C ASN A 19 -3.02 4.88 1.03
N ARG A 20 -2.92 5.83 1.96
CA ARG A 20 -3.79 5.82 3.13
C ARG A 20 -5.23 6.04 2.74
N MET A 21 -5.47 6.91 1.76
N MET A 21 -5.45 6.91 1.76
CA MET A 21 -6.83 7.19 1.32
CA MET A 21 -6.80 7.22 1.30
C MET A 21 -7.46 5.98 0.64
C MET A 21 -7.44 6.00 0.64
N MET A 22 -6.70 5.32 -0.21
CA MET A 22 -7.21 4.12 -0.90
C MET A 22 -7.68 3.10 0.13
N LYS A 23 -6.89 2.89 1.17
CA LYS A 23 -7.25 1.92 2.21
C LYS A 23 -8.52 2.32 2.95
N LEU A 24 -8.63 3.61 3.27
CA LEU A 24 -9.80 4.13 3.96
C LEU A 24 -11.06 3.88 3.13
N ILE A 25 -11.01 4.24 1.84
CA ILE A 25 -12.16 4.04 0.97
C ILE A 25 -12.58 2.58 0.93
N ILE A 26 -11.61 1.70 0.69
CA ILE A 26 -11.88 0.27 0.58
C ILE A 26 -12.42 -0.38 1.86
N ASN A 27 -11.96 0.06 3.02
N ASN A 27 -11.98 0.14 3.01
CA ASN A 27 -12.45 -0.53 4.25
CA ASN A 27 -12.36 -0.38 4.31
C ASN A 27 -13.77 0.09 4.73
C ASN A 27 -13.70 0.14 4.79
N SER A 28 -14.12 1.28 4.23
CA SER A 28 -15.36 1.92 4.62
C SER A 28 -16.56 1.54 3.76
N LEU A 29 -16.33 1.46 2.45
CA LEU A 29 -17.41 1.15 1.52
C LEU A 29 -17.50 -0.31 1.12
N TYR A 30 -16.83 -1.17 1.89
CA TYR A 30 -16.86 -2.61 1.59
C TYR A 30 -18.27 -3.15 1.49
N LYS A 31 -19.22 -2.49 2.14
CA LYS A 31 -20.61 -2.93 2.14
C LYS A 31 -21.45 -2.39 0.98
N ASN A 32 -20.99 -1.31 0.36
CA ASN A 32 -21.72 -0.72 -0.77
C ASN A 32 -20.74 -0.47 -1.91
N LYS A 33 -20.25 -1.56 -2.50
CA LYS A 33 -19.29 -1.50 -3.60
C LYS A 33 -19.81 -0.86 -4.87
N GLU A 34 -21.10 -1.04 -5.16
CA GLU A 34 -21.70 -0.49 -6.39
C GLU A 34 -21.52 1.02 -6.55
N ILE A 35 -21.14 1.71 -5.49
CA ILE A 35 -20.97 3.16 -5.57
C ILE A 35 -19.80 3.61 -6.43
N PHE A 36 -18.92 2.67 -6.81
CA PHE A 36 -17.79 3.03 -7.66
C PHE A 36 -18.30 3.58 -8.99
N LEU A 37 -19.37 2.98 -9.51
CA LEU A 37 -19.92 3.42 -10.79
C LEU A 37 -20.44 4.85 -10.71
N ARG A 38 -21.12 5.18 -9.62
CA ARG A 38 -21.64 6.52 -9.42
C ARG A 38 -20.49 7.54 -9.41
N GLU A 39 -19.39 7.18 -8.76
CA GLU A 39 -18.24 8.07 -8.68
C GLU A 39 -17.57 8.24 -10.05
N LEU A 40 -17.44 7.17 -10.82
CA LEU A 40 -16.83 7.27 -12.14
C LEU A 40 -17.71 8.09 -13.07
N ILE A 41 -19.03 7.87 -12.99
CA ILE A 41 -19.95 8.63 -13.83
C ILE A 41 -19.89 10.11 -13.43
N SER A 42 -19.75 10.36 -12.14
CA SER A 42 -19.67 11.73 -11.62
C SER A 42 -18.40 12.41 -12.10
N ASN A 43 -17.28 11.69 -12.08
CA ASN A 43 -16.03 12.26 -12.54
C ASN A 43 -16.16 12.56 -14.03
N ALA A 44 -16.79 11.64 -14.75
CA ALA A 44 -16.99 11.81 -16.18
C ALA A 44 -17.76 13.09 -16.47
N SER A 45 -18.87 13.27 -15.77
CA SER A 45 -19.70 14.46 -15.90
C SER A 45 -18.88 15.70 -15.66
N ASP A 46 -18.05 15.68 -14.62
CA ASP A 46 -17.20 16.82 -14.31
C ASP A 46 -16.23 17.13 -15.44
N ALA A 47 -15.58 16.10 -15.98
CA ALA A 47 -14.63 16.28 -17.08
C ALA A 47 -15.33 16.92 -18.28
N LEU A 48 -16.61 16.60 -18.48
CA LEU A 48 -17.36 17.16 -19.59
C LEU A 48 -17.74 18.63 -19.32
N ASP A 49 -17.99 18.98 -18.05
CA ASP A 49 -18.30 20.37 -17.73
C ASP A 49 -17.07 21.21 -18.02
N LYS A 50 -15.89 20.67 -17.73
CA LYS A 50 -14.64 21.39 -17.97
C LYS A 50 -14.40 21.71 -19.45
N ILE A 51 -14.54 20.72 -20.33
CA ILE A 51 -14.32 21.00 -21.74
C ILE A 51 -15.42 21.92 -22.29
N ARG A 52 -16.61 21.83 -21.71
CA ARG A 52 -17.73 22.67 -22.12
C ARG A 52 -17.40 24.13 -21.79
N LEU A 53 -16.86 24.36 -20.58
CA LEU A 53 -16.48 25.69 -20.15
C LEU A 53 -15.38 26.22 -21.09
N ILE A 54 -14.35 25.40 -21.31
CA ILE A 54 -13.26 25.76 -22.20
C ILE A 54 -13.75 26.11 -23.60
N SER A 55 -14.73 25.35 -24.10
CA SER A 55 -15.25 25.61 -25.44
C SER A 55 -15.89 26.98 -25.54
N LEU A 56 -16.25 27.56 -24.39
CA LEU A 56 -16.87 28.88 -24.38
C LEU A 56 -15.87 29.93 -24.89
N THR A 57 -14.62 29.80 -24.48
CA THR A 57 -13.58 30.75 -24.85
C THR A 57 -12.52 30.26 -25.82
N ASP A 58 -12.48 28.95 -26.06
CA ASP A 58 -11.51 28.35 -26.97
C ASP A 58 -12.24 27.75 -28.17
N GLU A 59 -12.16 28.43 -29.30
CA GLU A 59 -12.82 27.99 -30.52
C GLU A 59 -12.39 26.61 -31.02
N ASN A 60 -11.16 26.22 -30.69
CA ASN A 60 -10.66 24.91 -31.13
C ASN A 60 -10.84 23.81 -30.10
N ALA A 61 -11.53 24.13 -29.00
CA ALA A 61 -11.75 23.18 -27.92
C ALA A 61 -12.27 21.80 -28.31
N LEU A 62 -13.32 21.73 -29.12
CA LEU A 62 -13.89 20.43 -29.47
C LEU A 62 -13.42 19.82 -30.78
N ALA A 63 -12.29 20.27 -31.31
CA ALA A 63 -11.79 19.75 -32.58
C ALA A 63 -11.47 18.26 -32.59
N GLY A 64 -10.92 17.75 -31.48
CA GLY A 64 -10.57 16.35 -31.41
C GLY A 64 -11.75 15.38 -31.35
N ASN A 65 -12.91 15.89 -30.92
CA ASN A 65 -14.10 15.07 -30.80
C ASN A 65 -15.28 16.02 -30.59
N GLU A 66 -16.22 16.00 -31.53
CA GLU A 66 -17.39 16.90 -31.47
C GLU A 66 -18.46 16.61 -30.41
N GLU A 67 -18.57 15.38 -29.94
CA GLU A 67 -19.61 15.06 -28.96
C GLU A 67 -19.21 15.22 -27.49
N LEU A 68 -20.22 15.31 -26.63
CA LEU A 68 -20.05 15.43 -25.19
C LEU A 68 -20.88 14.29 -24.61
N THR A 69 -20.28 13.12 -24.47
CA THR A 69 -21.01 11.95 -23.96
C THR A 69 -20.23 11.08 -22.97
N VAL A 70 -20.95 10.11 -22.41
CA VAL A 70 -20.40 9.13 -21.50
C VAL A 70 -20.90 7.80 -22.05
N LYS A 71 -19.97 6.93 -22.46
CA LYS A 71 -20.33 5.63 -23.01
C LYS A 71 -19.73 4.48 -22.20
N ILE A 72 -20.58 3.52 -21.83
CA ILE A 72 -20.15 2.38 -21.02
C ILE A 72 -20.24 1.06 -21.79
N LYS A 73 -19.19 0.26 -21.71
CA LYS A 73 -19.13 -1.03 -22.39
C LYS A 73 -18.68 -2.16 -21.48
N CYS A 74 -19.44 -3.25 -21.47
CA CYS A 74 -19.11 -4.42 -20.67
C CYS A 74 -18.50 -5.45 -21.61
N ASP A 75 -17.29 -5.91 -21.29
CA ASP A 75 -16.63 -6.92 -22.10
C ASP A 75 -16.48 -8.16 -21.22
N LYS A 76 -17.52 -8.97 -21.16
CA LYS A 76 -17.53 -10.18 -20.34
C LYS A 76 -16.36 -11.10 -20.65
N GLU A 77 -16.12 -11.35 -21.94
CA GLU A 77 -15.03 -12.23 -22.34
C GLU A 77 -13.70 -11.77 -21.75
N LYS A 78 -13.39 -10.48 -21.90
N LYS A 78 -13.39 -10.48 -21.89
CA LYS A 78 -12.15 -9.92 -21.39
CA LYS A 78 -12.13 -9.93 -21.38
C LYS A 78 -12.21 -9.58 -19.91
C LYS A 78 -12.20 -9.60 -19.89
N ASN A 79 -13.39 -9.71 -19.31
CA ASN A 79 -13.59 -9.40 -17.89
C ASN A 79 -13.27 -7.92 -17.64
N LEU A 80 -13.68 -7.07 -18.58
CA LEU A 80 -13.40 -5.63 -18.45
C LEU A 80 -14.64 -4.76 -18.53
N LEU A 81 -14.63 -3.68 -17.75
CA LEU A 81 -15.71 -2.71 -17.77
C LEU A 81 -15.04 -1.42 -18.23
N HIS A 82 -15.64 -0.75 -19.20
CA HIS A 82 -15.08 0.51 -19.70
C HIS A 82 -16.09 1.64 -19.49
N VAL A 83 -15.57 2.80 -19.07
CA VAL A 83 -16.41 3.99 -18.89
C VAL A 83 -15.65 5.10 -19.63
N THR A 84 -16.18 5.51 -20.79
CA THR A 84 -15.53 6.54 -21.58
C THR A 84 -16.28 7.86 -21.70
N ASP A 85 -15.56 8.95 -21.51
CA ASP A 85 -16.15 10.28 -21.63
C ASP A 85 -15.33 11.07 -22.64
N THR A 86 -15.99 12.05 -23.27
CA THR A 86 -15.30 12.90 -24.23
C THR A 86 -15.02 14.24 -23.55
N GLY A 87 -14.63 14.14 -22.28
CA GLY A 87 -14.34 15.33 -21.50
C GLY A 87 -13.03 15.99 -21.88
N VAL A 88 -12.55 16.86 -21.02
CA VAL A 88 -11.31 17.59 -21.25
C VAL A 88 -10.07 16.69 -21.40
N GLY A 89 -10.09 15.55 -20.71
CA GLY A 89 -8.97 14.64 -20.77
C GLY A 89 -7.84 15.09 -19.85
N MET A 90 -6.74 14.34 -19.85
CA MET A 90 -5.58 14.66 -19.01
C MET A 90 -4.28 14.48 -19.77
N THR A 91 -3.33 15.39 -19.54
CA THR A 91 -2.02 15.30 -20.18
C THR A 91 -1.24 14.23 -19.40
N ARG A 92 -0.07 13.86 -19.91
N ARG A 92 -0.08 13.85 -19.90
CA ARG A 92 0.74 12.86 -19.26
CA ARG A 92 0.74 12.85 -19.24
C ARG A 92 1.10 13.32 -17.84
C ARG A 92 1.07 13.33 -17.83
N GLU A 93 1.44 14.59 -17.71
CA GLU A 93 1.80 15.16 -16.42
C GLU A 93 0.60 15.17 -15.45
N GLU A 94 -0.60 15.40 -15.98
CA GLU A 94 -1.81 15.41 -15.14
C GLU A 94 -2.17 14.01 -14.64
N LEU A 95 -1.91 13.00 -15.45
CA LEU A 95 -2.20 11.63 -15.07
C LEU A 95 -1.34 11.28 -13.86
N VAL A 96 -0.07 11.65 -13.90
CA VAL A 96 0.84 11.36 -12.80
C VAL A 96 0.49 12.14 -11.53
N LYS A 97 0.24 13.44 -11.70
CA LYS A 97 -0.10 14.30 -10.57
C LYS A 97 -1.52 14.15 -10.02
N ASN A 98 -2.53 14.17 -10.90
CA ASN A 98 -3.91 14.05 -10.44
C ASN A 98 -4.27 12.69 -9.87
N LEU A 99 -3.64 11.64 -10.38
CA LEU A 99 -3.96 10.29 -9.91
C LEU A 99 -2.94 9.76 -8.89
N GLY A 100 -1.71 10.25 -8.96
CA GLY A 100 -0.68 9.76 -8.05
C GLY A 100 -0.45 10.53 -6.75
N THR A 101 -0.98 11.74 -6.66
CA THR A 101 -0.82 12.57 -5.46
C THR A 101 -2.16 13.21 -5.10
N ILE A 102 -2.23 13.79 -3.90
CA ILE A 102 -3.45 14.43 -3.44
C ILE A 102 -3.17 15.84 -2.93
N ALA A 103 -4.08 16.76 -3.24
CA ALA A 103 -3.95 18.15 -2.82
C ALA A 103 -5.24 18.60 -2.12
N LYS A 104 -5.94 19.55 -2.73
CA LYS A 104 -7.19 20.08 -2.17
C LYS A 104 -6.98 20.85 -0.87
N SER A 105 -5.73 20.91 -0.41
CA SER A 105 -5.36 21.63 0.81
C SER A 105 -6.20 21.28 2.04
N GLY A 106 -6.90 20.15 1.99
CA GLY A 106 -7.71 19.73 3.12
C GLY A 106 -7.59 18.23 3.30
N THR A 107 -6.44 17.70 2.90
CA THR A 107 -6.14 16.28 2.98
C THR A 107 -6.16 15.71 4.40
N SER A 108 -5.39 16.33 5.29
CA SER A 108 -5.32 15.88 6.68
C SER A 108 -6.67 15.97 7.37
N GLU A 109 -7.38 17.07 7.14
CA GLU A 109 -8.69 17.28 7.75
C GLU A 109 -9.64 16.18 7.29
N PHE A 110 -9.55 15.83 6.01
CA PHE A 110 -10.40 14.79 5.45
C PHE A 110 -9.87 13.41 5.85
N LEU A 111 -8.57 13.33 6.08
CA LEU A 111 -7.94 12.08 6.48
C LEU A 111 -8.48 11.69 7.86
N ASN A 112 -8.66 12.68 8.72
CA ASN A 112 -9.18 12.46 10.06
C ASN A 112 -10.71 12.40 10.00
N LYS A 113 -11.27 12.95 8.92
CA LYS A 113 -12.72 12.97 8.73
C LYS A 113 -13.20 11.61 8.23
N MET A 114 -12.38 10.94 7.44
CA MET A 114 -12.72 9.62 6.92
C MET A 114 -12.64 8.56 8.00
N THR A 115 -11.55 8.59 8.77
CA THR A 115 -11.35 7.63 9.86
C THR A 115 -12.45 7.80 10.91
N GLU A 116 -12.66 9.05 11.32
CA GLU A 116 -13.68 9.36 12.33
C GLU A 116 -15.04 8.91 11.83
N ALA A 117 -15.25 8.98 10.52
CA ALA A 117 -16.52 8.57 9.92
C ALA A 117 -16.61 7.06 9.76
N GLN A 118 -15.57 6.35 10.20
CA GLN A 118 -15.54 4.90 10.09
C GLN A 118 -15.06 4.22 11.37
N GLU A 119 -15.08 4.95 12.48
CA GLU A 119 -14.68 4.42 13.77
C GLU A 119 -15.87 4.60 14.71
N ASP A 120 -16.77 5.48 14.28
CA ASP A 120 -17.98 5.79 15.03
C ASP A 120 -19.18 5.27 14.23
N GLY A 121 -18.88 4.52 13.17
CA GLY A 121 -19.93 3.97 12.33
C GLY A 121 -20.73 5.04 11.62
N GLN A 122 -20.14 5.62 10.58
CA GLN A 122 -20.80 6.67 9.82
C GLN A 122 -20.76 6.33 8.33
N SER A 123 -21.20 7.27 7.50
CA SER A 123 -21.20 7.07 6.05
C SER A 123 -20.06 7.88 5.43
N THR A 124 -19.29 7.23 4.57
CA THR A 124 -18.18 7.88 3.91
C THR A 124 -18.49 7.95 2.42
N SER A 125 -19.70 7.54 2.08
CA SER A 125 -20.16 7.55 0.69
C SER A 125 -20.28 8.96 0.12
N GLU A 126 -20.80 9.87 0.93
CA GLU A 126 -20.96 11.26 0.50
C GLU A 126 -19.67 12.06 0.65
N LEU A 127 -18.81 11.63 1.57
CA LEU A 127 -17.54 12.31 1.80
C LEU A 127 -16.53 12.18 0.67
N ILE A 128 -16.37 10.98 0.15
CA ILE A 128 -15.41 10.76 -0.93
C ILE A 128 -15.75 11.62 -2.14
N GLY A 129 -17.04 11.78 -2.40
CA GLY A 129 -17.46 12.60 -3.52
C GLY A 129 -17.12 14.06 -3.24
N GLN A 130 -17.39 14.49 -2.01
CA GLN A 130 -17.13 15.86 -1.59
C GLN A 130 -15.66 16.26 -1.71
N PHE A 131 -14.75 15.38 -1.30
CA PHE A 131 -13.32 15.69 -1.37
C PHE A 131 -12.71 15.38 -2.74
N GLY A 132 -13.53 14.84 -3.64
CA GLY A 132 -13.05 14.53 -4.98
C GLY A 132 -12.09 13.36 -5.13
N VAL A 133 -12.27 12.32 -4.32
CA VAL A 133 -11.42 11.14 -4.37
C VAL A 133 -12.21 9.88 -4.73
N GLY A 134 -13.36 10.07 -5.37
CA GLY A 134 -14.18 8.93 -5.74
C GLY A 134 -13.52 7.92 -6.66
N PHE A 135 -12.62 8.41 -7.51
CA PHE A 135 -11.89 7.55 -8.44
C PHE A 135 -11.37 6.25 -7.79
N TYR A 136 -10.74 6.40 -6.63
CA TYR A 136 -10.16 5.26 -5.94
C TYR A 136 -11.14 4.16 -5.52
N SER A 137 -12.44 4.48 -5.49
CA SER A 137 -13.44 3.46 -5.12
C SER A 137 -13.50 2.38 -6.19
N ALA A 138 -12.79 2.60 -7.30
CA ALA A 138 -12.76 1.62 -8.39
C ALA A 138 -12.06 0.35 -7.90
N PHE A 139 -11.11 0.52 -7.00
CA PHE A 139 -10.36 -0.61 -6.47
C PHE A 139 -11.19 -1.54 -5.58
N LEU A 140 -12.41 -1.12 -5.26
CA LEU A 140 -13.32 -1.95 -4.46
C LEU A 140 -13.76 -3.15 -5.29
N VAL A 141 -13.77 -2.96 -6.61
CA VAL A 141 -14.22 -4.03 -7.50
C VAL A 141 -13.22 -4.45 -8.58
N ALA A 142 -12.06 -3.80 -8.61
CA ALA A 142 -11.06 -4.11 -9.62
C ALA A 142 -9.66 -4.40 -9.08
N ASP A 143 -9.02 -5.40 -9.67
CA ASP A 143 -7.65 -5.77 -9.31
C ASP A 143 -6.71 -4.83 -10.05
N LYS A 144 -7.17 -4.34 -11.20
CA LYS A 144 -6.38 -3.43 -12.02
C LYS A 144 -7.26 -2.29 -12.53
N VAL A 145 -6.74 -1.07 -12.50
CA VAL A 145 -7.48 0.10 -12.98
C VAL A 145 -6.59 0.78 -14.04
N ILE A 146 -7.15 0.97 -15.23
CA ILE A 146 -6.41 1.56 -16.33
C ILE A 146 -7.12 2.82 -16.80
N VAL A 147 -6.32 3.86 -17.03
CA VAL A 147 -6.84 5.16 -17.48
C VAL A 147 -6.16 5.59 -18.78
N THR A 148 -6.91 5.59 -19.89
CA THR A 148 -6.38 6.03 -21.18
C THR A 148 -6.93 7.43 -21.33
N SER A 149 -6.09 8.41 -21.67
CA SER A 149 -6.59 9.77 -21.80
C SER A 149 -5.92 10.60 -22.89
N LYS A 150 -6.71 11.47 -23.53
CA LYS A 150 -6.22 12.34 -24.58
C LYS A 150 -6.69 13.76 -24.32
N HIS A 151 -5.72 14.64 -24.05
CA HIS A 151 -6.00 16.05 -23.77
C HIS A 151 -5.54 16.84 -25.00
N ASN A 152 -6.19 17.96 -25.30
CA ASN A 152 -5.82 18.77 -26.46
C ASN A 152 -4.35 19.18 -26.47
N ASN A 153 -3.76 19.37 -25.30
CA ASN A 153 -2.36 19.79 -25.22
C ASN A 153 -1.32 18.67 -25.21
N ASP A 154 -1.73 17.42 -25.38
CA ASP A 154 -0.77 16.31 -25.33
C ASP A 154 -1.21 15.13 -26.21
N THR A 155 -0.34 14.13 -26.31
CA THR A 155 -0.66 12.93 -27.08
C THR A 155 -1.32 11.93 -26.12
N GLN A 156 -2.00 10.93 -26.66
CA GLN A 156 -2.69 9.93 -25.86
C GLN A 156 -1.74 9.12 -24.98
N HIS A 157 -2.10 8.99 -23.70
CA HIS A 157 -1.30 8.25 -22.73
C HIS A 157 -2.15 7.27 -21.94
N ILE A 158 -1.50 6.26 -21.36
CA ILE A 158 -2.20 5.26 -20.56
C ILE A 158 -1.56 5.17 -19.17
N TRP A 159 -2.39 5.20 -18.13
CA TRP A 159 -1.97 5.11 -16.73
C TRP A 159 -2.51 3.74 -16.30
N GLU A 160 -1.75 3.00 -15.51
CA GLU A 160 -2.21 1.69 -15.04
C GLU A 160 -1.69 1.39 -13.62
N SER A 161 -2.54 0.77 -12.80
CA SER A 161 -2.14 0.44 -11.43
C SER A 161 -2.93 -0.69 -10.81
N ASP A 162 -2.27 -1.42 -9.92
CA ASP A 162 -2.92 -2.50 -9.18
C ASP A 162 -2.95 -2.04 -7.71
N SER A 163 -2.71 -0.74 -7.54
CA SER A 163 -2.68 -0.03 -6.25
C SER A 163 -1.35 -0.06 -5.51
N ASN A 164 -0.43 -0.91 -5.96
CA ASN A 164 0.87 -1.00 -5.30
C ASN A 164 1.94 -0.13 -5.96
N GLU A 165 1.57 0.52 -7.05
CA GLU A 165 2.47 1.39 -7.83
C GLU A 165 1.66 1.73 -9.07
N PHE A 166 2.21 2.57 -9.94
CA PHE A 166 1.50 2.90 -11.18
C PHE A 166 2.51 3.27 -12.25
N SER A 167 2.10 3.16 -13.51
N SER A 167 2.11 3.18 -13.51
CA SER A 167 2.95 3.49 -14.63
CA SER A 167 3.00 3.54 -14.59
C SER A 167 2.19 4.34 -15.63
C SER A 167 2.21 4.33 -15.62
N VAL A 168 2.92 5.15 -16.40
CA VAL A 168 2.31 5.98 -17.42
C VAL A 168 3.18 5.83 -18.67
N ILE A 169 2.56 5.44 -19.77
CA ILE A 169 3.27 5.25 -21.02
C ILE A 169 2.51 5.90 -22.16
N ALA A 170 3.21 6.30 -23.20
CA ALA A 170 2.56 6.88 -24.36
C ALA A 170 1.74 5.72 -24.93
N ASP A 171 0.52 6.01 -25.38
CA ASP A 171 -0.33 4.97 -25.94
C ASP A 171 0.13 4.59 -27.34
N PRO A 172 0.68 3.37 -27.51
CA PRO A 172 1.16 2.90 -28.82
C PRO A 172 0.09 2.84 -29.89
N ARG A 173 -1.17 2.86 -29.48
CA ARG A 173 -2.27 2.82 -30.43
C ARG A 173 -2.45 4.21 -31.03
N GLY A 174 -1.74 5.18 -30.49
CA GLY A 174 -1.87 6.54 -30.99
C GLY A 174 -3.12 7.20 -30.46
N ASN A 175 -3.57 8.23 -31.18
CA ASN A 175 -4.75 8.97 -30.80
C ASN A 175 -6.04 8.30 -31.28
N THR A 176 -6.65 7.50 -30.41
CA THR A 176 -7.88 6.81 -30.77
C THR A 176 -9.11 7.45 -30.12
N LEU A 177 -8.89 8.15 -29.01
CA LEU A 177 -9.99 8.78 -28.29
C LEU A 177 -10.44 10.13 -28.86
N GLY A 178 -9.53 10.82 -29.53
CA GLY A 178 -9.87 12.13 -30.09
C GLY A 178 -9.61 13.14 -28.99
N ARG A 179 -10.36 12.98 -27.90
CA ARG A 179 -10.25 13.82 -26.71
C ARG A 179 -11.10 13.12 -25.65
N GLY A 180 -10.62 13.10 -24.42
CA GLY A 180 -11.40 12.46 -23.38
C GLY A 180 -10.65 11.39 -22.60
N THR A 181 -11.40 10.56 -21.88
CA THR A 181 -10.81 9.55 -21.04
C THR A 181 -11.65 8.28 -20.91
N THR A 182 -10.96 7.13 -20.91
CA THR A 182 -11.62 5.85 -20.71
C THR A 182 -11.07 5.26 -19.43
N ILE A 183 -11.95 4.84 -18.54
CA ILE A 183 -11.55 4.20 -17.30
C ILE A 183 -11.82 2.72 -17.57
N THR A 184 -10.79 1.89 -17.49
CA THR A 184 -10.94 0.45 -17.75
C THR A 184 -10.71 -0.35 -16.47
N LEU A 185 -11.72 -1.11 -16.07
CA LEU A 185 -11.62 -1.92 -14.86
C LEU A 185 -11.46 -3.41 -15.17
N VAL A 186 -10.42 -4.02 -14.60
CA VAL A 186 -10.19 -5.46 -14.74
C VAL A 186 -10.84 -5.98 -13.46
N LEU A 187 -12.07 -6.45 -13.57
CA LEU A 187 -12.85 -6.92 -12.42
C LEU A 187 -12.36 -8.11 -11.61
N LYS A 188 -12.49 -7.99 -10.29
CA LYS A 188 -12.12 -9.04 -9.36
C LYS A 188 -13.07 -10.21 -9.66
N GLU A 189 -12.61 -11.42 -9.38
N GLU A 189 -12.61 -11.42 -9.41
CA GLU A 189 -13.42 -12.61 -9.64
CA GLU A 189 -13.44 -12.61 -9.66
C GLU A 189 -14.82 -12.49 -9.06
C GLU A 189 -14.83 -12.47 -9.06
N GLU A 190 -14.91 -11.95 -7.85
CA GLU A 190 -16.20 -11.79 -7.16
C GLU A 190 -17.05 -10.61 -7.63
N ALA A 191 -16.52 -9.80 -8.54
CA ALA A 191 -17.25 -8.65 -9.03
C ALA A 191 -17.77 -8.86 -10.46
N SER A 192 -17.84 -10.12 -10.87
CA SER A 192 -18.29 -10.49 -12.22
C SER A 192 -19.69 -10.00 -12.55
N ASP A 193 -20.51 -9.78 -11.53
CA ASP A 193 -21.87 -9.32 -11.75
C ASP A 193 -21.90 -8.01 -12.53
N TYR A 194 -20.84 -7.22 -12.41
CA TYR A 194 -20.78 -5.94 -13.11
C TYR A 194 -20.44 -6.07 -14.59
N LEU A 195 -20.42 -7.30 -15.08
CA LEU A 195 -20.15 -7.55 -16.49
C LEU A 195 -21.50 -7.87 -17.13
N GLU A 196 -22.53 -7.90 -16.29
CA GLU A 196 -23.89 -8.18 -16.72
C GLU A 196 -24.60 -6.90 -17.14
N LEU A 197 -25.15 -6.89 -18.34
CA LEU A 197 -25.85 -5.72 -18.86
C LEU A 197 -26.95 -5.22 -17.95
N ASP A 198 -27.82 -6.11 -17.48
CA ASP A 198 -28.92 -5.71 -16.61
C ASP A 198 -28.44 -4.99 -15.36
N THR A 199 -27.38 -5.51 -14.75
CA THR A 199 -26.83 -4.91 -13.54
C THR A 199 -26.28 -3.51 -13.83
N ILE A 200 -25.57 -3.36 -14.95
CA ILE A 200 -24.99 -2.07 -15.30
C ILE A 200 -26.05 -1.05 -15.70
N LYS A 201 -27.01 -1.46 -16.53
CA LYS A 201 -28.06 -0.55 -16.93
C LYS A 201 -28.81 -0.01 -15.72
N ASN A 202 -29.18 -0.89 -14.80
CA ASN A 202 -29.90 -0.48 -13.60
C ASN A 202 -29.07 0.48 -12.76
N LEU A 203 -27.78 0.20 -12.62
CA LEU A 203 -26.92 1.07 -11.84
C LEU A 203 -26.68 2.39 -12.56
N VAL A 204 -26.32 2.31 -13.83
CA VAL A 204 -26.06 3.50 -14.63
C VAL A 204 -27.30 4.39 -14.66
N LYS A 205 -28.44 3.80 -14.96
CA LYS A 205 -29.69 4.55 -15.02
C LYS A 205 -29.96 5.19 -13.66
N LYS A 206 -29.57 4.48 -12.61
CA LYS A 206 -29.78 4.96 -11.25
C LYS A 206 -28.86 6.13 -10.89
N TYR A 207 -27.68 6.18 -11.50
CA TYR A 207 -26.72 7.24 -11.21
C TYR A 207 -26.61 8.30 -12.32
N SER A 208 -27.37 8.10 -13.40
CA SER A 208 -27.33 9.02 -14.53
C SER A 208 -28.52 9.97 -14.51
N GLN A 209 -29.42 9.75 -13.58
CA GLN A 209 -30.63 10.56 -13.44
C GLN A 209 -30.41 12.06 -13.27
N PHE A 210 -29.31 12.45 -12.64
CA PHE A 210 -29.05 13.87 -12.41
C PHE A 210 -27.87 14.38 -13.22
N ILE A 211 -27.41 13.59 -14.17
CA ILE A 211 -26.29 13.98 -15.01
C ILE A 211 -26.83 14.72 -16.23
N ASN A 212 -26.27 15.90 -16.49
CA ASN A 212 -26.71 16.72 -17.61
C ASN A 212 -26.25 16.24 -18.98
N PHE A 213 -25.26 15.35 -19.02
CA PHE A 213 -24.77 14.83 -20.30
C PHE A 213 -25.35 13.43 -20.56
N PRO A 214 -25.61 13.11 -21.83
CA PRO A 214 -26.18 11.81 -22.21
C PRO A 214 -25.26 10.63 -21.88
N ILE A 215 -25.81 9.61 -21.24
CA ILE A 215 -25.04 8.42 -20.88
C ILE A 215 -25.60 7.19 -21.59
N TYR A 216 -24.74 6.47 -22.30
CA TYR A 216 -25.13 5.28 -23.06
C TYR A 216 -24.45 4.02 -22.55
N VAL A 217 -25.10 2.87 -22.77
CA VAL A 217 -24.55 1.58 -22.40
C VAL A 217 -24.63 0.72 -23.65
N TRP A 218 -23.50 0.17 -24.08
CA TRP A 218 -23.47 -0.68 -25.27
C TRP A 218 -24.26 -1.94 -24.94
N SER A 219 -25.45 -2.07 -25.53
CA SER A 219 -26.29 -3.22 -25.25
C SER A 219 -26.89 -3.91 -26.46
N SER A 220 -27.33 -5.15 -26.24
CA SER A 220 -27.94 -5.99 -27.27
C SER A 220 -29.46 -5.96 -27.27
N LYS A 221 -30.04 -6.18 -28.45
CA LYS A 221 -31.48 -6.20 -28.62
C LYS A 221 -31.82 -7.27 -29.66
N THR A 222 -33.10 -7.65 -29.73
CA THR A 222 -33.55 -8.66 -30.69
C THR A 222 -34.50 -8.05 -31.71
N LYS A 227 -32.49 -11.01 -35.19
CA LYS A 227 -31.31 -11.56 -34.54
C LYS A 227 -30.89 -10.72 -33.35
N THR A 228 -29.59 -10.72 -33.05
CA THR A 228 -29.04 -9.96 -31.93
C THR A 228 -28.14 -8.84 -32.44
N VAL A 229 -28.62 -7.60 -32.34
CA VAL A 229 -27.84 -6.46 -32.78
C VAL A 229 -27.39 -5.63 -31.57
N TRP A 230 -26.22 -5.03 -31.67
CA TRP A 230 -25.70 -4.21 -30.59
C TRP A 230 -25.67 -2.74 -30.98
N ASP A 231 -25.90 -1.86 -30.02
CA ASP A 231 -25.88 -0.43 -30.26
C ASP A 231 -26.01 0.34 -28.95
N TRP A 232 -25.66 1.62 -28.99
CA TRP A 232 -25.73 2.45 -27.80
C TRP A 232 -27.17 2.70 -27.36
N GLU A 233 -27.45 2.44 -26.09
CA GLU A 233 -28.78 2.65 -25.55
C GLU A 233 -28.75 3.79 -24.53
N LEU A 234 -29.53 4.85 -24.76
CA LEU A 234 -29.57 6.00 -23.86
C LEU A 234 -30.17 5.61 -22.51
N MET A 235 -29.47 5.97 -21.43
CA MET A 235 -29.91 5.64 -20.08
C MET A 235 -30.51 6.79 -19.29
N ASN A 236 -30.35 8.02 -19.77
CA ASN A 236 -30.90 9.16 -19.04
C ASN A 236 -31.46 10.24 -19.97
N GLY B 1 21.48 23.79 6.50
CA GLY B 1 21.35 23.14 7.83
C GLY B 1 20.12 22.27 7.95
N SER B 2 19.02 22.72 7.35
CA SER B 2 17.76 21.97 7.38
C SER B 2 17.27 21.64 5.97
N HIS B 3 18.18 21.17 5.12
CA HIS B 3 17.83 20.82 3.76
C HIS B 3 17.03 19.51 3.72
N MET B 4 17.44 18.55 4.54
CA MET B 4 16.76 17.25 4.57
C MET B 4 15.26 17.38 4.86
N LEU B 5 14.91 18.15 5.88
CA LEU B 5 13.51 18.34 6.23
C LEU B 5 12.75 19.16 5.21
N ARG B 6 13.38 20.22 4.71
CA ARG B 6 12.73 21.08 3.73
C ARG B 6 12.57 20.40 2.37
N GLU B 7 13.29 19.31 2.16
CA GLU B 7 13.23 18.57 0.89
C GLU B 7 12.66 17.16 1.06
N LYS B 8 12.32 16.80 2.30
CA LYS B 8 11.77 15.47 2.59
C LYS B 8 12.72 14.38 2.08
N SER B 9 14.02 14.67 2.11
N SER B 9 14.02 14.66 2.14
CA SER B 9 15.04 13.73 1.67
CA SER B 9 15.05 13.74 1.68
C SER B 9 15.07 12.48 2.54
C SER B 9 15.08 12.47 2.55
N GLU B 10 14.41 12.55 3.70
CA GLU B 10 14.36 11.43 4.62
C GLU B 10 13.19 10.49 4.37
N LYS B 11 12.32 10.84 3.43
CA LYS B 11 11.16 10.03 3.12
C LYS B 11 11.33 9.15 1.87
N PHE B 12 10.83 7.92 1.96
CA PHE B 12 10.93 6.99 0.84
C PHE B 12 9.62 6.24 0.63
N ALA B 13 9.46 5.70 -0.57
CA ALA B 13 8.28 4.91 -0.90
C ALA B 13 8.80 3.48 -0.96
N PHE B 14 7.95 2.51 -0.67
CA PHE B 14 8.35 1.11 -0.77
C PHE B 14 8.36 0.69 -2.24
N GLN B 15 9.14 -0.35 -2.54
CA GLN B 15 9.21 -0.91 -3.88
C GLN B 15 7.88 -1.63 -4.07
N ALA B 16 7.38 -1.66 -5.31
CA ALA B 16 6.10 -2.30 -5.57
C ALA B 16 6.02 -3.73 -5.01
N GLU B 17 6.99 -4.57 -5.34
CA GLU B 17 7.00 -5.95 -4.85
C GLU B 17 6.86 -6.05 -3.33
N VAL B 18 7.39 -5.08 -2.60
CA VAL B 18 7.28 -5.11 -1.13
C VAL B 18 5.86 -4.82 -0.69
N ASN B 19 5.19 -3.90 -1.39
CA ASN B 19 3.80 -3.58 -1.06
C ASN B 19 2.97 -4.83 -1.24
N ARG B 20 3.19 -5.51 -2.37
CA ARG B 20 2.44 -6.73 -2.65
C ARG B 20 2.74 -7.78 -1.61
N MET B 21 4.00 -7.90 -1.21
N MET B 21 4.00 -7.90 -1.21
CA MET B 21 4.42 -8.89 -0.23
CA MET B 21 4.41 -8.89 -0.23
C MET B 21 3.76 -8.64 1.13
C MET B 21 3.76 -8.64 1.13
N MET B 22 3.77 -7.38 1.57
N MET B 22 3.77 -7.38 1.57
CA MET B 22 3.16 -7.04 2.85
CA MET B 22 3.16 -7.04 2.85
C MET B 22 1.69 -7.44 2.85
C MET B 22 1.68 -7.43 2.85
N LYS B 23 1.01 -7.22 1.72
CA LYS B 23 -0.39 -7.57 1.62
C LYS B 23 -0.63 -9.08 1.66
N LEU B 24 0.21 -9.83 0.96
CA LEU B 24 0.08 -11.28 0.95
C LEU B 24 0.30 -11.87 2.34
N ILE B 25 1.27 -11.33 3.07
CA ILE B 25 1.56 -11.81 4.42
C ILE B 25 0.36 -11.60 5.34
N ILE B 26 -0.21 -10.40 5.28
CA ILE B 26 -1.36 -10.08 6.11
C ILE B 26 -2.64 -10.82 5.71
N ASN B 27 -2.79 -11.09 4.42
CA ASN B 27 -3.98 -11.80 3.97
C ASN B 27 -3.96 -13.29 4.27
N SER B 28 -2.76 -13.87 4.39
CA SER B 28 -2.66 -15.29 4.65
C SER B 28 -2.35 -15.71 6.07
N LEU B 29 -1.88 -14.79 6.91
CA LEU B 29 -1.54 -15.13 8.29
C LEU B 29 -2.41 -14.48 9.34
N TYR B 30 -3.52 -13.89 8.89
CA TYR B 30 -4.43 -13.21 9.81
C TYR B 30 -4.94 -14.14 10.91
N LYS B 31 -4.89 -15.44 10.67
CA LYS B 31 -5.36 -16.44 11.63
C LYS B 31 -4.35 -16.75 12.73
N ASN B 32 -3.07 -16.73 12.39
CA ASN B 32 -2.02 -17.01 13.36
C ASN B 32 -1.07 -15.82 13.45
N LYS B 33 -1.59 -14.70 13.96
CA LYS B 33 -0.82 -13.46 14.10
C LYS B 33 0.41 -13.57 14.98
N GLU B 34 0.30 -14.35 16.05
CA GLU B 34 1.40 -14.51 17.00
C GLU B 34 2.73 -14.90 16.34
N ILE B 35 2.69 -15.35 15.10
CA ILE B 35 3.93 -15.74 14.43
C ILE B 35 4.89 -14.58 14.23
N PHE B 36 4.40 -13.35 14.38
CA PHE B 36 5.28 -12.19 14.20
C PHE B 36 6.45 -12.27 15.17
N LEU B 37 6.18 -12.69 16.39
CA LEU B 37 7.19 -12.78 17.42
C LEU B 37 8.21 -13.85 17.08
N ARG B 38 7.76 -14.94 16.44
CA ARG B 38 8.70 -15.99 16.05
C ARG B 38 9.65 -15.43 15.00
N GLU B 39 9.10 -14.64 14.08
CA GLU B 39 9.92 -14.07 13.02
C GLU B 39 10.92 -13.03 13.53
N LEU B 40 10.49 -12.18 14.46
CA LEU B 40 11.39 -11.17 15.00
C LEU B 40 12.51 -11.81 15.82
N ILE B 41 12.19 -12.86 16.57
CA ILE B 41 13.19 -13.55 17.37
C ILE B 41 14.17 -14.24 16.41
N SER B 42 13.63 -14.78 15.32
CA SER B 42 14.45 -15.45 14.30
C SER B 42 15.41 -14.48 13.63
N ASN B 43 14.91 -13.30 13.25
CA ASN B 43 15.78 -12.30 12.63
C ASN B 43 16.87 -11.84 13.60
N ALA B 44 16.50 -11.67 14.87
CA ALA B 44 17.44 -11.23 15.90
C ALA B 44 18.58 -12.25 16.03
N SER B 45 18.22 -13.54 16.02
CA SER B 45 19.22 -14.61 16.11
C SER B 45 20.13 -14.54 14.89
N ASP B 46 19.54 -14.33 13.71
CA ASP B 46 20.35 -14.23 12.50
C ASP B 46 21.33 -13.04 12.60
N ALA B 47 20.90 -11.95 13.23
CA ALA B 47 21.76 -10.79 13.35
C ALA B 47 22.92 -11.08 14.32
N LEU B 48 22.63 -11.88 15.34
CA LEU B 48 23.67 -12.23 16.31
C LEU B 48 24.66 -13.18 15.64
N ASP B 49 24.17 -14.03 14.74
CA ASP B 49 25.06 -14.96 14.02
C ASP B 49 26.02 -14.16 13.15
N LYS B 50 25.50 -13.10 12.53
CA LYS B 50 26.32 -12.28 11.65
C LYS B 50 27.47 -11.59 12.35
N ILE B 51 27.22 -11.00 13.51
CA ILE B 51 28.28 -10.32 14.25
C ILE B 51 29.26 -11.34 14.83
N ARG B 52 28.76 -12.53 15.13
CA ARG B 52 29.60 -13.60 15.66
C ARG B 52 30.58 -14.05 14.58
N LEU B 53 30.11 -14.10 13.34
CA LEU B 53 30.94 -14.47 12.21
C LEU B 53 31.98 -13.38 11.95
N ILE B 54 31.57 -12.13 12.14
CA ILE B 54 32.47 -11.00 11.94
C ILE B 54 33.55 -10.96 13.03
N SER B 55 33.19 -11.37 14.24
CA SER B 55 34.15 -11.37 15.34
C SER B 55 35.27 -12.40 15.15
N LEU B 56 35.07 -13.35 14.24
CA LEU B 56 36.08 -14.37 13.97
C LEU B 56 37.32 -13.74 13.34
N THR B 57 37.11 -12.79 12.44
CA THR B 57 38.20 -12.12 11.76
C THR B 57 38.51 -10.73 12.30
N ASP B 58 37.52 -10.10 12.93
CA ASP B 58 37.70 -8.74 13.46
C ASP B 58 37.70 -8.74 14.98
N GLU B 59 38.86 -8.48 15.56
CA GLU B 59 38.99 -8.45 17.02
C GLU B 59 38.29 -7.25 17.67
N ASN B 60 37.91 -6.26 16.86
CA ASN B 60 37.23 -5.07 17.39
C ASN B 60 35.71 -5.14 17.19
N ALA B 61 35.24 -6.22 16.59
CA ALA B 61 33.82 -6.40 16.30
C ALA B 61 32.84 -6.13 17.44
N LEU B 62 33.11 -6.68 18.62
CA LEU B 62 32.21 -6.52 19.75
C LEU B 62 32.48 -5.36 20.72
N ALA B 63 33.45 -4.52 20.39
CA ALA B 63 33.81 -3.39 21.24
C ALA B 63 32.65 -2.47 21.66
N GLY B 64 31.67 -2.29 20.78
CA GLY B 64 30.55 -1.42 21.11
C GLY B 64 29.54 -1.98 22.10
N ASN B 65 29.57 -3.30 22.30
CA ASN B 65 28.66 -3.98 23.20
C ASN B 65 29.15 -5.43 23.23
N GLU B 66 29.67 -5.88 24.38
CA GLU B 66 30.19 -7.24 24.49
C GLU B 66 29.19 -8.40 24.47
N GLU B 67 28.01 -8.17 25.02
CA GLU B 67 26.98 -9.21 25.09
C GLU B 67 26.34 -9.59 23.76
N LEU B 68 25.83 -10.82 23.70
CA LEU B 68 25.15 -11.34 22.52
C LEU B 68 23.81 -11.82 23.06
N THR B 69 22.82 -10.95 23.07
CA THR B 69 21.51 -11.28 23.61
C THR B 69 20.31 -10.70 22.87
N VAL B 70 19.13 -11.13 23.30
CA VAL B 70 17.87 -10.64 22.78
C VAL B 70 17.07 -10.29 24.04
N LYS B 71 16.62 -9.05 24.14
CA LYS B 71 15.87 -8.59 25.29
C LYS B 71 14.54 -7.98 24.84
N ILE B 72 13.46 -8.58 25.31
CA ILE B 72 12.09 -8.15 24.97
C ILE B 72 11.43 -7.40 26.11
N LYS B 73 10.81 -6.27 25.78
CA LYS B 73 10.15 -5.44 26.79
C LYS B 73 8.75 -4.96 26.38
N CYS B 74 7.81 -5.12 27.31
CA CYS B 74 6.43 -4.69 27.12
C CYS B 74 6.23 -3.35 27.81
N ASP B 75 5.55 -2.43 27.15
CA ASP B 75 5.26 -1.13 27.75
C ASP B 75 3.78 -0.87 27.50
N LYS B 76 2.94 -1.41 28.37
CA LYS B 76 1.49 -1.29 28.24
C LYS B 76 0.97 0.15 28.13
N GLU B 77 1.38 1.01 29.05
CA GLU B 77 0.93 2.40 29.04
C GLU B 77 1.18 3.09 27.70
N LYS B 78 2.31 2.78 27.07
CA LYS B 78 2.64 3.40 25.78
C LYS B 78 2.21 2.55 24.58
N ASN B 79 1.61 1.40 24.85
CA ASN B 79 1.13 0.51 23.80
C ASN B 79 2.29 0.09 22.90
N LEU B 80 3.40 -0.29 23.52
CA LEU B 80 4.58 -0.69 22.76
C LEU B 80 5.20 -2.02 23.15
N LEU B 81 5.76 -2.70 22.16
CA LEU B 81 6.45 -3.96 22.37
C LEU B 81 7.84 -3.73 21.76
N HIS B 82 8.88 -4.00 22.54
CA HIS B 82 10.26 -3.81 22.06
C HIS B 82 10.99 -5.14 22.00
N VAL B 83 11.77 -5.35 20.94
CA VAL B 83 12.58 -6.56 20.78
C VAL B 83 13.97 -6.06 20.43
N THR B 84 14.90 -6.15 21.39
CA THR B 84 16.25 -5.65 21.15
C THR B 84 17.33 -6.73 21.11
N ASP B 85 18.20 -6.67 20.11
CA ASP B 85 19.30 -7.63 20.00
C ASP B 85 20.60 -6.84 19.88
N THR B 86 21.71 -7.51 20.19
CA THR B 86 23.01 -6.87 20.09
C THR B 86 23.78 -7.54 18.96
N GLY B 87 23.09 -7.68 17.84
CA GLY B 87 23.66 -8.29 16.66
C GLY B 87 24.50 -7.29 15.91
N VAL B 88 24.70 -7.56 14.61
CA VAL B 88 25.51 -6.72 13.75
C VAL B 88 24.95 -5.31 13.49
N GLY B 89 23.63 -5.16 13.57
CA GLY B 89 23.03 -3.86 13.32
C GLY B 89 22.96 -3.52 11.83
N MET B 90 22.46 -2.33 11.52
N MET B 90 22.46 -2.33 11.52
CA MET B 90 22.32 -1.89 10.14
CA MET B 90 22.33 -1.88 10.14
C MET B 90 22.69 -0.41 9.98
C MET B 90 22.71 -0.41 9.99
N THR B 91 23.40 -0.10 8.90
CA THR B 91 23.81 1.27 8.60
C THR B 91 22.60 1.96 8.01
N ARG B 92 22.69 3.27 7.81
N ARG B 92 22.68 3.27 7.83
CA ARG B 92 21.58 4.04 7.25
CA ARG B 92 21.57 4.02 7.25
C ARG B 92 21.20 3.52 5.87
C ARG B 92 21.20 3.49 5.88
N GLU B 93 22.22 3.20 5.06
CA GLU B 93 22.00 2.69 3.70
C GLU B 93 21.33 1.32 3.70
N GLU B 94 21.69 0.48 4.66
CA GLU B 94 21.11 -0.85 4.74
C GLU B 94 19.65 -0.76 5.19
N LEU B 95 19.33 0.19 6.06
CA LEU B 95 17.95 0.37 6.51
C LEU B 95 17.08 0.75 5.32
N VAL B 96 17.56 1.68 4.51
CA VAL B 96 16.84 2.12 3.33
C VAL B 96 16.64 1.01 2.31
N LYS B 97 17.75 0.34 1.96
CA LYS B 97 17.71 -0.74 0.97
C LYS B 97 17.12 -2.07 1.41
N ASN B 98 17.56 -2.58 2.56
CA ASN B 98 17.09 -3.88 3.06
C ASN B 98 15.64 -3.97 3.51
N LEU B 99 15.11 -2.89 4.10
CA LEU B 99 13.73 -2.94 4.56
C LEU B 99 12.77 -2.31 3.55
N GLY B 100 13.30 -1.52 2.63
CA GLY B 100 12.46 -0.86 1.64
C GLY B 100 12.35 -1.52 0.27
N THR B 101 13.25 -2.44 -0.02
CA THR B 101 13.24 -3.15 -1.29
C THR B 101 13.44 -4.65 -1.06
N ILE B 102 13.33 -5.43 -2.12
CA ILE B 102 13.50 -6.88 -2.02
C ILE B 102 14.34 -7.38 -3.19
N ALA B 103 15.25 -8.30 -2.91
CA ALA B 103 16.12 -8.88 -3.93
C ALA B 103 15.96 -10.39 -3.95
N LYS B 104 16.99 -11.10 -3.50
CA LYS B 104 16.96 -12.56 -3.44
C LYS B 104 16.85 -13.22 -4.82
N SER B 105 16.63 -12.40 -5.85
CA SER B 105 16.50 -12.90 -7.22
C SER B 105 15.42 -13.97 -7.34
N GLY B 106 14.52 -14.02 -6.38
CA GLY B 106 13.45 -15.00 -6.40
C GLY B 106 12.13 -14.44 -5.90
N THR B 107 12.01 -13.11 -5.93
CA THR B 107 10.80 -12.43 -5.48
C THR B 107 9.57 -12.84 -6.29
N SER B 108 9.72 -12.86 -7.61
CA SER B 108 8.63 -13.23 -8.50
C SER B 108 8.06 -14.62 -8.18
N GLU B 109 8.91 -15.63 -8.18
CA GLU B 109 8.50 -16.99 -7.89
C GLU B 109 7.89 -17.12 -6.51
N PHE B 110 8.43 -16.35 -5.56
CA PHE B 110 7.92 -16.39 -4.19
C PHE B 110 6.53 -15.76 -4.08
N LEU B 111 6.33 -14.64 -4.76
CA LEU B 111 5.03 -13.97 -4.74
C LEU B 111 3.98 -14.87 -5.39
N ASN B 112 4.44 -15.77 -6.24
CA ASN B 112 3.55 -16.71 -6.92
C ASN B 112 3.18 -17.83 -5.96
N LYS B 113 4.17 -18.33 -5.24
CA LYS B 113 3.95 -19.41 -4.27
C LYS B 113 3.09 -18.92 -3.12
N MET B 114 3.21 -17.63 -2.80
CA MET B 114 2.43 -17.04 -1.72
C MET B 114 0.96 -17.01 -2.13
N THR B 115 0.70 -16.43 -3.30
CA THR B 115 -0.64 -16.32 -3.83
C THR B 115 -1.23 -17.71 -4.10
N GLU B 116 -0.38 -18.62 -4.55
CA GLU B 116 -0.80 -19.98 -4.83
C GLU B 116 -1.26 -20.66 -3.55
N ALA B 117 -0.49 -20.45 -2.47
CA ALA B 117 -0.81 -21.04 -1.19
C ALA B 117 -2.16 -20.55 -0.67
N GLN B 118 -2.47 -19.28 -0.91
CA GLN B 118 -3.75 -18.73 -0.47
C GLN B 118 -4.90 -19.26 -1.30
N GLU B 119 -4.58 -19.91 -2.41
CA GLU B 119 -5.59 -20.47 -3.30
C GLU B 119 -5.81 -21.95 -2.96
N ASP B 120 -4.74 -22.61 -2.52
CA ASP B 120 -4.80 -24.01 -2.16
C ASP B 120 -4.92 -24.17 -0.65
N GLY B 121 -5.09 -23.06 0.05
CA GLY B 121 -5.21 -23.10 1.50
C GLY B 121 -4.00 -23.69 2.17
N GLN B 122 -2.81 -23.38 1.64
CA GLN B 122 -1.56 -23.89 2.18
C GLN B 122 -1.08 -23.03 3.35
N SER B 123 0.01 -23.46 3.98
CA SER B 123 0.58 -22.73 5.11
C SER B 123 1.76 -21.88 4.66
N THR B 124 1.55 -20.56 4.61
CA THR B 124 2.58 -19.63 4.18
C THR B 124 3.50 -19.24 5.33
N SER B 125 3.18 -19.71 6.54
CA SER B 125 3.98 -19.40 7.72
C SER B 125 5.43 -19.85 7.56
N GLU B 126 5.63 -21.03 6.98
CA GLU B 126 6.97 -21.56 6.78
C GLU B 126 7.66 -20.89 5.59
N LEU B 127 6.86 -20.53 4.59
CA LEU B 127 7.36 -19.90 3.37
C LEU B 127 8.10 -18.59 3.62
N ILE B 128 7.48 -17.69 4.38
CA ILE B 128 8.07 -16.38 4.65
C ILE B 128 9.46 -16.45 5.29
N GLY B 129 9.63 -17.36 6.23
CA GLY B 129 10.93 -17.50 6.87
C GLY B 129 11.96 -17.96 5.85
N GLN B 130 11.59 -18.96 5.06
CA GLN B 130 12.48 -19.50 4.04
C GLN B 130 12.95 -18.42 3.07
N PHE B 131 12.08 -17.48 2.71
CA PHE B 131 12.44 -16.42 1.78
C PHE B 131 13.05 -15.21 2.49
N GLY B 132 13.06 -15.25 3.81
CA GLY B 132 13.64 -14.15 4.59
C GLY B 132 12.88 -12.84 4.57
N VAL B 133 11.55 -12.90 4.62
CA VAL B 133 10.75 -11.68 4.62
C VAL B 133 9.81 -11.68 5.83
N GLY B 134 10.27 -12.35 6.90
CA GLY B 134 9.49 -12.43 8.12
C GLY B 134 9.30 -11.12 8.85
N PHE B 135 10.19 -10.17 8.59
CA PHE B 135 10.11 -8.85 9.22
C PHE B 135 8.73 -8.23 9.01
N TYR B 136 8.21 -8.38 7.79
CA TYR B 136 6.92 -7.79 7.43
C TYR B 136 5.69 -8.31 8.17
N SER B 137 5.81 -9.46 8.84
CA SER B 137 4.70 -10.03 9.60
C SER B 137 4.39 -9.15 10.82
N ALA B 138 5.29 -8.22 11.13
CA ALA B 138 5.08 -7.34 12.27
C ALA B 138 3.82 -6.50 12.03
N PHE B 139 3.55 -6.21 10.75
CA PHE B 139 2.38 -5.40 10.40
C PHE B 139 1.07 -6.13 10.65
N LEU B 140 1.16 -7.40 11.03
CA LEU B 140 -0.03 -8.18 11.36
C LEU B 140 -0.59 -7.64 12.67
N VAL B 141 0.30 -7.16 13.54
CA VAL B 141 -0.12 -6.67 14.85
C VAL B 141 0.21 -5.21 15.16
N ALA B 142 0.92 -4.54 14.26
CA ALA B 142 1.30 -3.15 14.51
C ALA B 142 0.83 -2.13 13.48
N ASP B 143 0.43 -0.97 13.98
CA ASP B 143 0.01 0.13 13.13
C ASP B 143 1.27 0.88 12.70
N LYS B 144 2.32 0.79 13.50
CA LYS B 144 3.59 1.44 13.20
C LYS B 144 4.74 0.52 13.61
N VAL B 145 5.78 0.46 12.78
CA VAL B 145 6.95 -0.35 13.08
C VAL B 145 8.15 0.58 13.04
N ILE B 146 8.90 0.61 14.14
CA ILE B 146 10.08 1.45 14.23
C ILE B 146 11.32 0.59 14.42
N VAL B 147 12.38 0.90 13.68
CA VAL B 147 13.61 0.14 13.78
C VAL B 147 14.77 1.07 14.11
N THR B 148 15.32 0.94 15.31
CA THR B 148 16.45 1.76 15.74
C THR B 148 17.66 0.82 15.64
N SER B 149 18.68 1.22 14.90
CA SER B 149 19.82 0.34 14.74
C SER B 149 21.16 1.07 14.78
N LYS B 150 22.18 0.37 15.28
CA LYS B 150 23.52 0.90 15.37
C LYS B 150 24.50 -0.16 14.87
N HIS B 151 25.20 0.17 13.79
CA HIS B 151 26.19 -0.70 13.17
C HIS B 151 27.56 -0.10 13.42
N ASN B 152 28.57 -0.95 13.60
CA ASN B 152 29.92 -0.46 13.85
C ASN B 152 30.41 0.58 12.86
N ASN B 153 29.95 0.51 11.61
CA ASN B 153 30.39 1.46 10.58
C ASN B 153 29.51 2.68 10.30
N ASP B 154 28.62 3.01 11.21
CA ASP B 154 27.74 4.17 11.01
C ASP B 154 27.23 4.60 12.38
N THR B 155 26.51 5.72 12.42
CA THR B 155 25.93 6.22 13.66
C THR B 155 24.52 5.64 13.78
N GLN B 156 23.94 5.74 14.97
CA GLN B 156 22.60 5.18 15.21
C GLN B 156 21.53 5.92 14.41
N HIS B 157 20.70 5.17 13.70
CA HIS B 157 19.61 5.73 12.92
C HIS B 157 18.27 5.12 13.29
N ILE B 158 17.19 5.75 12.82
CA ILE B 158 15.84 5.27 13.09
C ILE B 158 15.04 5.14 11.80
N TRP B 159 14.40 3.98 11.62
CA TRP B 159 13.56 3.72 10.46
C TRP B 159 12.15 3.62 11.02
N GLU B 160 11.16 4.18 10.33
CA GLU B 160 9.79 4.11 10.82
C GLU B 160 8.81 4.03 9.66
N SER B 161 7.73 3.29 9.84
CA SER B 161 6.73 3.15 8.79
C SER B 161 5.37 2.67 9.27
N ASP B 162 4.31 3.16 8.64
CA ASP B 162 2.96 2.74 8.96
C ASP B 162 2.53 1.87 7.78
N SER B 163 3.52 1.51 6.96
CA SER B 163 3.37 0.66 5.77
C SER B 163 3.00 1.40 4.49
N ASN B 164 2.65 2.68 4.60
CA ASN B 164 2.29 3.44 3.40
C ASN B 164 3.47 4.23 2.86
N GLU B 165 4.57 4.17 3.60
CA GLU B 165 5.81 4.86 3.27
C GLU B 165 6.74 4.61 4.44
N PHE B 166 8.00 5.03 4.31
CA PHE B 166 8.94 4.91 5.42
C PHE B 166 9.92 6.06 5.34
N SER B 167 10.53 6.37 6.47
CA SER B 167 11.51 7.44 6.52
C SER B 167 12.65 6.94 7.41
N VAL B 168 13.84 7.49 7.20
CA VAL B 168 15.01 7.13 7.97
C VAL B 168 15.69 8.44 8.38
N ILE B 169 15.96 8.59 9.68
CA ILE B 169 16.58 9.79 10.22
C ILE B 169 17.68 9.43 11.21
N ALA B 170 18.64 10.33 11.39
CA ALA B 170 19.72 10.08 12.35
C ALA B 170 19.03 10.12 13.71
N ASP B 171 19.41 9.21 14.60
CA ASP B 171 18.81 9.17 15.93
C ASP B 171 19.34 10.33 16.78
N PRO B 172 18.47 11.29 17.13
CA PRO B 172 18.89 12.43 17.94
C PRO B 172 19.34 12.08 19.35
N ARG B 173 19.08 10.85 19.78
CA ARG B 173 19.49 10.41 21.12
C ARG B 173 20.95 9.96 21.09
N GLY B 174 21.53 9.93 19.90
CA GLY B 174 22.92 9.51 19.78
C GLY B 174 23.02 7.99 19.83
N ASN B 175 24.19 7.49 20.17
CA ASN B 175 24.43 6.05 20.26
C ASN B 175 24.06 5.50 21.62
N THR B 176 22.85 4.95 21.73
CA THR B 176 22.38 4.40 22.99
C THR B 176 22.40 2.87 23.00
N LEU B 177 22.42 2.27 21.81
CA LEU B 177 22.42 0.82 21.69
C LEU B 177 23.80 0.18 21.84
N GLY B 178 24.83 0.90 21.41
CA GLY B 178 26.19 0.37 21.48
C GLY B 178 26.45 -0.31 20.15
N ARG B 179 25.63 -1.34 19.87
CA ARG B 179 25.68 -2.09 18.63
C ARG B 179 24.42 -2.95 18.63
N GLY B 180 23.71 -2.99 17.51
CA GLY B 180 22.50 -3.81 17.47
C GLY B 180 21.26 -3.13 16.94
N THR B 181 20.12 -3.75 17.21
CA THR B 181 18.83 -3.25 16.71
C THR B 181 17.67 -3.45 17.66
N THR B 182 16.79 -2.46 17.73
CA THR B 182 15.58 -2.55 18.53
C THR B 182 14.40 -2.45 17.55
N ILE B 183 13.46 -3.38 17.63
CA ILE B 183 12.27 -3.31 16.78
C ILE B 183 11.18 -2.87 17.75
N THR B 184 10.54 -1.75 17.46
CA THR B 184 9.48 -1.25 18.35
C THR B 184 8.15 -1.30 17.64
N LEU B 185 7.16 -1.94 18.26
CA LEU B 185 5.85 -2.03 17.63
C LEU B 185 4.80 -1.23 18.37
N VAL B 186 4.10 -0.37 17.63
CA VAL B 186 3.00 0.41 18.18
C VAL B 186 1.83 -0.50 17.81
N LEU B 187 1.36 -1.27 18.79
CA LEU B 187 0.30 -2.24 18.58
C LEU B 187 -1.07 -1.75 18.14
N LYS B 188 -1.72 -2.55 17.28
CA LYS B 188 -3.06 -2.25 16.81
C LYS B 188 -3.96 -2.45 18.02
N GLU B 189 -5.16 -1.90 18.00
CA GLU B 189 -6.06 -2.07 19.15
C GLU B 189 -6.45 -3.53 19.33
N GLU B 190 -6.60 -4.24 18.23
N GLU B 190 -6.61 -4.24 18.22
CA GLU B 190 -6.97 -5.65 18.27
CA GLU B 190 -6.98 -5.65 18.29
C GLU B 190 -5.80 -6.55 18.66
C GLU B 190 -5.80 -6.55 18.67
N ALA B 191 -4.64 -5.95 18.93
CA ALA B 191 -3.45 -6.73 19.30
C ALA B 191 -2.95 -6.39 20.71
N SER B 192 -3.86 -5.91 21.56
CA SER B 192 -3.52 -5.55 22.94
C SER B 192 -3.00 -6.69 23.80
N ASP B 193 -3.40 -7.91 23.46
N ASP B 193 -3.40 -7.91 23.45
CA ASP B 193 -2.98 -9.09 24.23
CA ASP B 193 -2.97 -9.09 24.21
C ASP B 193 -1.46 -9.22 24.32
C ASP B 193 -1.46 -9.22 24.31
N TYR B 194 -0.76 -8.72 23.30
CA TYR B 194 0.70 -8.80 23.27
C TYR B 194 1.41 -7.79 24.16
N LEU B 195 0.66 -7.17 25.07
CA LEU B 195 1.22 -6.21 26.01
C LEU B 195 1.19 -6.86 27.38
N GLU B 196 0.63 -8.07 27.43
CA GLU B 196 0.52 -8.84 28.67
C GLU B 196 1.71 -9.76 28.89
N LEU B 197 2.38 -9.59 30.02
CA LEU B 197 3.54 -10.40 30.35
C LEU B 197 3.39 -11.91 30.23
N ASP B 198 2.40 -12.48 30.90
CA ASP B 198 2.20 -13.93 30.84
C ASP B 198 2.10 -14.44 29.41
N THR B 199 1.45 -13.67 28.55
CA THR B 199 1.29 -14.05 27.16
C THR B 199 2.63 -13.99 26.42
N ILE B 200 3.33 -12.86 26.53
CA ILE B 200 4.61 -12.71 25.84
C ILE B 200 5.63 -13.75 26.30
N LYS B 201 5.67 -14.03 27.60
CA LYS B 201 6.60 -15.03 28.13
C LYS B 201 6.32 -16.39 27.51
N ASN B 202 5.04 -16.76 27.46
N ASN B 202 5.04 -16.76 27.46
CA ASN B 202 4.63 -18.03 26.89
CA ASN B 202 4.62 -18.03 26.88
C ASN B 202 5.06 -18.15 25.43
C ASN B 202 5.07 -18.15 25.44
N LEU B 203 4.91 -17.06 24.67
CA LEU B 203 5.29 -17.06 23.27
C LEU B 203 6.81 -17.04 23.07
N VAL B 204 7.51 -16.19 23.81
CA VAL B 204 8.97 -16.11 23.70
C VAL B 204 9.58 -17.45 24.07
N LYS B 205 9.13 -18.02 25.18
CA LYS B 205 9.63 -19.31 25.65
C LYS B 205 9.48 -20.37 24.56
N LYS B 206 8.33 -20.34 23.88
CA LYS B 206 8.04 -21.29 22.82
C LYS B 206 8.89 -21.08 21.56
N TYR B 207 9.08 -19.82 21.18
CA TYR B 207 9.85 -19.49 19.98
C TYR B 207 11.36 -19.39 20.14
N SER B 208 11.83 -19.45 21.38
CA SER B 208 13.27 -19.32 21.67
C SER B 208 13.99 -20.64 21.89
N GLN B 209 13.25 -21.71 22.11
CA GLN B 209 13.82 -23.03 22.38
C GLN B 209 15.04 -23.44 21.57
N PHE B 210 15.03 -23.22 20.26
CA PHE B 210 16.14 -23.60 19.43
C PHE B 210 17.04 -22.44 19.00
N ILE B 211 17.03 -21.37 19.79
CA ILE B 211 17.86 -20.21 19.51
C ILE B 211 19.12 -20.38 20.35
N ASN B 212 20.29 -20.22 19.73
CA ASN B 212 21.54 -20.39 20.45
C ASN B 212 22.04 -19.19 21.24
N PHE B 213 21.17 -18.20 21.44
CA PHE B 213 21.53 -17.01 22.20
C PHE B 213 20.51 -16.80 23.30
N PRO B 214 20.95 -16.30 24.46
CA PRO B 214 20.02 -16.07 25.57
C PRO B 214 18.99 -15.00 25.23
N ILE B 215 17.73 -15.31 25.51
CA ILE B 215 16.62 -14.37 25.23
C ILE B 215 15.93 -14.07 26.56
N TYR B 216 15.79 -12.78 26.87
CA TYR B 216 15.19 -12.32 28.12
C TYR B 216 13.94 -11.46 27.95
N VAL B 217 13.09 -11.47 28.97
CA VAL B 217 11.87 -10.67 28.97
C VAL B 217 11.88 -9.84 30.26
N TRP B 218 11.67 -8.53 30.13
CA TRP B 218 11.64 -7.66 31.29
C TRP B 218 10.34 -7.93 32.05
N SER B 219 10.45 -8.56 33.21
CA SER B 219 9.27 -8.90 33.99
C SER B 219 9.41 -8.62 35.49
N SER B 220 8.29 -8.75 36.19
CA SER B 220 8.25 -8.49 37.63
C SER B 220 8.25 -9.75 38.47
N LYS B 221 8.60 -9.59 39.74
CA LYS B 221 8.65 -10.70 40.69
C LYS B 221 8.25 -10.21 42.07
N THR B 222 7.60 -11.08 42.84
CA THR B 222 7.16 -10.73 44.20
C THR B 222 8.30 -10.89 45.20
N LYS B 227 8.52 -6.75 48.04
CA LYS B 227 8.01 -5.72 47.14
C LYS B 227 8.06 -6.20 45.68
N THR B 228 7.53 -5.37 44.78
CA THR B 228 7.52 -5.69 43.35
C THR B 228 8.83 -5.24 42.73
N VAL B 229 9.61 -6.19 42.22
CA VAL B 229 10.89 -5.88 41.59
C VAL B 229 10.94 -6.33 40.14
N TRP B 230 11.47 -5.49 39.27
CA TRP B 230 11.57 -5.81 37.85
C TRP B 230 12.99 -6.13 37.40
N ASP B 231 13.13 -7.12 36.53
CA ASP B 231 14.44 -7.50 36.02
C ASP B 231 14.30 -8.46 34.84
N TRP B 232 15.41 -8.68 34.14
CA TRP B 232 15.41 -9.58 32.99
C TRP B 232 15.24 -11.01 33.48
N GLU B 233 14.41 -11.77 32.78
CA GLU B 233 14.17 -13.17 33.11
C GLU B 233 14.53 -14.03 31.90
N LEU B 234 15.41 -14.98 32.10
CA LEU B 234 15.85 -15.88 31.03
C LEU B 234 14.69 -16.75 30.58
N MET B 235 14.50 -16.90 29.26
CA MET B 235 13.41 -17.70 28.73
C MET B 235 13.88 -18.97 28.02
N ASN B 236 15.19 -19.13 27.81
CA ASN B 236 15.69 -20.31 27.12
C ASN B 236 17.04 -20.79 27.66
OAQ RDE C . -10.88 13.95 -17.27
CAR RDE C . -10.72 13.81 -16.04
OAE RDE C . -10.17 14.67 -15.31
CAX RDE C . -11.22 12.51 -15.39
CAK RDE C . -10.68 12.11 -14.17
CAV RDE C . -11.10 10.91 -13.59
CLAH RDE C . -10.39 10.39 -12.10
CAT RDE C . -12.07 10.13 -14.22
OAF RDE C . -12.51 8.99 -13.64
CAI RDE C . -12.60 10.54 -15.44
CAU RDE C . -12.17 11.74 -16.02
OAG RDE C . -12.68 12.11 -17.24
O1 PG4 D . -8.83 2.37 -25.87
C1 PG4 D . -9.56 2.03 -24.69
C2 PG4 D . -8.60 1.90 -23.50
O2 PG4 D . -8.17 0.56 -23.39
C3 PG4 D . -7.27 0.50 -22.28
C4 PG4 D . -6.77 -0.95 -22.11
O3 PG4 D . -6.25 -1.42 -23.35
C5 PG4 D . -5.81 -2.75 -23.12
C6 PG4 D . -5.24 -3.32 -24.42
O4 PG4 D . -5.86 -4.57 -24.70
O1 PG4 E . -18.35 -1.18 -29.13
C1 PG4 E . -17.95 -2.33 -29.87
C2 PG4 E . -17.18 -3.30 -28.97
O2 PG4 E . -15.90 -2.76 -28.68
C3 PG4 E . -15.23 -3.70 -27.84
C4 PG4 E . -13.84 -3.17 -27.48
O3 PG4 E . -13.97 -2.03 -26.64
C5 PG4 E . -12.65 -1.56 -26.33
C6 PG4 E . -12.75 -0.32 -25.43
O4 PG4 E . -13.29 0.77 -26.18
C7 PG4 E . -13.36 1.89 -25.30
C8 PG4 E . -13.93 3.09 -26.05
O5 PG4 E . -13.00 3.52 -27.06
O1 PG4 F . -13.81 18.92 -10.41
C1 PG4 F . -15.14 19.36 -10.10
C2 PG4 F . -15.83 19.85 -11.38
O2 PG4 F . -15.38 21.16 -11.68
C3 PG4 F . -16.05 21.57 -12.88
C4 PG4 F . -15.58 22.99 -13.25
O3 PG4 F . -14.21 22.95 -13.63
C5 PG4 F . -13.82 24.28 -13.95
C6 PG4 F . -12.34 24.29 -14.37
O4 PG4 F . -11.51 24.37 -13.20
O1 PG4 G . -13.59 11.63 -32.79
C1 PG4 G . -13.36 10.24 -32.56
C2 PG4 G . -12.28 9.73 -33.51
O2 PG4 G . -11.04 10.36 -33.21
C3 PG4 G . -10.08 9.84 -34.14
C4 PG4 G . -8.72 10.49 -33.85
O3 PG4 G . -7.87 10.30 -35.00
OAQ RDE H . 20.47 -6.57 12.32
CAR RDE H . 19.65 -6.98 11.45
OAE RDE H . 19.99 -7.28 10.28
CAX RDE H . 18.19 -7.14 11.85
CAK RDE H . 17.21 -7.12 10.86
CAV RDE H . 15.86 -7.25 11.19
CLAH RDE H . 14.67 -7.18 9.94
CAT RDE H . 15.49 -7.40 12.53
OAF RDE H . 14.19 -7.56 12.87
CAI RDE H . 16.47 -7.42 13.52
CAU RDE H . 17.81 -7.28 13.18
OAG RDE H . 18.76 -7.28 14.17
O1 PG4 I . 16.33 3.93 24.87
C1 PG4 I . 17.00 4.37 23.68
C2 PG4 I . 16.80 3.33 22.57
O2 PG4 I . 15.43 3.34 22.15
C3 PG4 I . 15.30 2.37 21.11
C4 PG4 I . 13.85 2.34 20.61
O3 PG4 I . 13.45 3.66 20.24
C5 PG4 I . 12.13 3.58 19.78
C6 PG4 I . 11.65 4.97 19.39
O4 PG4 I . 11.26 5.65 20.57
C7 PG4 I . 10.82 6.95 20.20
C8 PG4 I . 10.39 7.69 21.46
O5 PG4 I . 9.14 7.17 21.92
O1 PG4 J . 14.45 -1.41 24.11
C1 PG4 J . 14.68 -0.04 24.44
C2 PG4 J . 13.35 0.67 24.62
O2 PG4 J . 13.27 1.21 25.93
C3 PG4 J . 12.01 1.87 26.04
C4 PG4 J . 11.87 2.48 27.44
O3 PG4 J . 11.92 1.44 28.42
C5 PG4 J . 11.79 2.08 29.69
C6 PG4 J . 11.85 1.02 30.80
O4 PG4 J . 13.05 0.27 30.68
C7 PG4 J . 13.04 -0.70 31.73
C8 PG4 J . 14.32 -1.54 31.64
O5 PG4 J . 15.45 -0.78 32.07
O1 PG4 K . -0.56 -17.84 26.71
C1 PG4 K . -1.63 -17.07 27.28
C2 PG4 K . -1.27 -16.66 28.71
O2 PG4 K . -1.32 -17.81 29.58
C3 PG4 K . -0.98 -17.35 30.89
C4 PG4 K . -1.00 -18.51 31.87
O3 PG4 K . 0.01 -18.33 32.85
O1 PG4 L . 19.60 -12.96 5.67
C1 PG4 L . 19.31 -14.27 6.15
C2 PG4 L . 19.96 -14.48 7.51
O2 PG4 L . 21.26 -15.05 7.34
C3 PG4 L . 21.82 -15.23 8.65
C4 PG4 L . 23.22 -15.84 8.52
O3 PG4 L . 24.04 -14.96 7.73
C5 PG4 L . 25.32 -15.56 7.62
C6 PG4 L . 26.24 -14.67 6.77
O4 PG4 L . 26.44 -13.43 7.45
C7 PG4 L . 27.28 -12.63 6.62
C8 PG4 L . 27.54 -11.28 7.29
O5 PG4 L . 28.57 -11.41 8.28
OH2 1PE M . -5.45 -3.11 -0.78
C12 1PE M . -5.65 -1.80 -0.24
C22 1PE M . -5.06 -0.78 -1.19
OH3 1PE M . -3.82 -0.34 -0.67
C13 1PE M . -1.94 1.11 -1.09
C23 1PE M . -3.28 0.61 -1.59
OH4 1PE M . -1.17 0.01 -0.60
C14 1PE M . 0.92 -0.62 0.39
C24 1PE M . 0.07 0.53 -0.14
OH5 1PE M . 0.38 -1.10 1.61
C15 1PE M . 0.69 -2.75 3.36
C25 1PE M . 1.22 -2.18 2.04
OH6 1PE M . -0.74 -2.80 3.33
C16 1PE M . -2.66 -3.41 4.64
C26 1PE M . -1.14 -3.33 4.59
OH7 1PE M . -3.14 -2.59 5.70
#